data_5SLJ
#
_entry.id   5SLJ
#
_cell.length_a   68.183
_cell.length_b   67.638
_cell.length_c   138.562
_cell.angle_alpha   90.000
_cell.angle_beta   90.000
_cell.angle_gamma   90.000
#
_symmetry.space_group_name_H-M   'P 21 21 21'
#
loop_
_entity.id
_entity.type
_entity.pdbx_description
1 polymer 'Proofreading exoribonuclease nsp14'
2 non-polymer 'ZINC ION'
3 non-polymer 'PHOSPHATE ION'
4 non-polymer 3-fluoro-N-(3-hydroxy-4-methylphenyl)benzamide
5 water water
#
_entity_poly.entity_id   1
_entity_poly.type   'polypeptide(L)'
_entity_poly.pdbx_seq_one_letter_code
;SMLFKDCSKVITGLHPTQAPTHLSVDTKFKTEGLCVDIPGIPKDMTYRRLISMMGFKMNYQVNGYPNMFITREEAIRHVR
AWIGFDVEGCHATREAVGTNLPLQLGFSTGVNLVAVPTGYVDTPNNTDFSRVSAKPPPGDQFKHLIPLMYKGLPWNVVRI
KIVQMLSDTLKNLSDRVVFVLWAHGFELTSMKYFVKIGPERTCCLCDRRATCFSTASDTYACWHHSIGFDYVYNPFMIDV
QQWGFTGNLQSNHDLYCQVHGNAHVASCDAIMTRCLAVHECFVKRVDWTIEYPIIGDELKINAACRKVQHMVVKAALLAD
KFPVLHDIGNPKAIKCVPQADVEWKFYDAQPCSDKAYKIEELFYSYATHSDKFTDGVCLFWNCNVDRYPANSIVCRFDTR
VLSNLNLPGCDGGSLYVNKHAFHTPAFDKSAFVNLKQLPFFYYSDSPCESHGKQVVSDIDYVPLKSATCITRCNLGGAVC
RHHANEYRLYLDAYNMMISAGFSLWVYKQFDTYNLWNTFTRLQ
;
_entity_poly.pdbx_strand_id   D
#
loop_
_chem_comp.id
_chem_comp.type
_chem_comp.name
_chem_comp.formula
LKU non-polymer 3-fluoro-N-(3-hydroxy-4-methylphenyl)benzamide 'C14 H12 F N O2'
PO4 non-polymer 'PHOSPHATE ION' 'O4 P -3'
ZN non-polymer 'ZINC ION' 'Zn 2'
#
# COMPACT_ATOMS: atom_id res chain seq x y z
N PRO A 20 0.50 -1.98 27.86
CA PRO A 20 1.45 -2.20 26.76
C PRO A 20 0.95 -1.68 25.40
N THR A 21 0.16 -0.59 25.41
CA THR A 21 -0.33 0.10 24.19
C THR A 21 0.78 1.05 23.69
N HIS A 22 1.21 2.05 24.48
CA HIS A 22 2.18 3.11 24.08
C HIS A 22 3.59 2.79 24.60
N LEU A 23 4.62 3.40 23.97
CA LEU A 23 6.05 3.20 24.31
C LEU A 23 6.42 4.08 25.52
N SER A 24 6.79 3.49 26.66
CA SER A 24 7.20 4.24 27.89
C SER A 24 8.32 5.20 27.50
N VAL A 25 8.27 6.45 27.92
CA VAL A 25 9.44 7.37 27.80
C VAL A 25 10.62 6.87 28.63
N ASP A 26 10.43 5.92 29.56
CA ASP A 26 11.55 5.41 30.39
C ASP A 26 12.19 4.19 29.75
N THR A 27 11.74 3.75 28.57
CA THR A 27 12.45 2.74 27.74
C THR A 27 13.87 3.25 27.35
N LYS A 28 14.84 2.34 27.26
CA LYS A 28 16.22 2.67 26.83
C LYS A 28 16.26 2.90 25.32
N PHE A 29 17.08 3.87 24.91
CA PHE A 29 17.38 4.17 23.51
C PHE A 29 18.87 3.96 23.32
N LYS A 30 19.25 3.04 22.43
CA LYS A 30 20.65 2.73 22.12
C LYS A 30 21.20 3.92 21.34
N THR A 31 22.34 4.47 21.74
CA THR A 31 22.83 5.80 21.30
C THR A 31 24.04 5.65 20.40
N GLU A 32 24.50 4.44 20.17
CA GLU A 32 25.71 4.15 19.34
C GLU A 32 25.59 4.82 17.97
N GLY A 33 24.44 4.69 17.31
CA GLY A 33 24.14 5.35 16.02
C GLY A 33 24.28 6.87 16.01
N LEU A 34 24.08 7.52 17.16
CA LEU A 34 24.08 9.00 17.29
C LEU A 34 25.50 9.52 17.52
N CYS A 35 26.45 8.68 17.92
CA CYS A 35 27.70 9.21 18.54
C CYS A 35 28.64 9.81 17.50
N VAL A 36 28.33 9.78 16.20
CA VAL A 36 29.22 10.49 15.20
C VAL A 36 28.73 11.94 15.02
N ASP A 37 27.43 12.21 14.89
CA ASP A 37 26.94 13.62 14.96
C ASP A 37 27.01 14.15 16.38
N ILE A 38 26.85 13.30 17.41
CA ILE A 38 26.86 13.74 18.84
C ILE A 38 27.94 12.99 19.63
N PRO A 39 29.21 13.36 19.48
CA PRO A 39 30.26 12.73 20.26
C PRO A 39 30.14 13.03 21.77
N GLY A 40 30.33 12.00 22.58
CA GLY A 40 30.24 12.10 24.04
C GLY A 40 28.86 11.72 24.54
N ILE A 41 27.99 11.26 23.65
CA ILE A 41 26.58 10.99 24.07
C ILE A 41 26.60 9.80 25.04
N PRO A 42 25.84 9.88 26.15
CA PRO A 42 25.82 8.80 27.14
C PRO A 42 25.32 7.49 26.49
N LYS A 43 25.91 6.36 26.85
CA LYS A 43 25.44 5.04 26.38
C LYS A 43 24.08 4.76 27.05
N ASP A 44 23.92 5.18 28.30
CA ASP A 44 22.68 5.02 29.09
C ASP A 44 21.77 6.22 28.81
N MET A 45 20.67 6.02 28.11
CA MET A 45 19.77 7.10 27.64
C MET A 45 18.34 6.57 27.59
N THR A 46 17.35 7.32 28.11
CA THR A 46 15.88 7.04 27.96
C THR A 46 15.30 7.92 26.86
N TYR A 47 14.13 7.58 26.32
CA TYR A 47 13.35 8.48 25.42
C TYR A 47 13.18 9.82 26.15
N ARG A 48 12.85 9.78 27.43
CA ARG A 48 12.59 10.99 28.27
C ARG A 48 13.78 11.95 28.12
N ARG A 49 14.99 11.44 28.34
CA ARG A 49 16.19 12.33 28.26
C ARG A 49 16.51 12.70 26.79
N LEU A 50 16.24 11.80 25.84
CA LEU A 50 16.45 12.09 24.40
C LEU A 50 15.51 13.20 23.95
N ILE A 51 14.24 13.11 24.32
CA ILE A 51 13.21 14.10 23.91
C ILE A 51 13.63 15.45 24.52
N SER A 52 14.03 15.45 25.78
CA SER A 52 14.58 16.65 26.47
C SER A 52 15.75 17.25 25.71
N MET A 53 16.68 16.40 25.28
CA MET A 53 17.89 16.82 24.54
C MET A 53 17.48 17.44 23.19
N MET A 54 16.41 16.93 22.58
CA MET A 54 15.93 17.41 21.25
C MET A 54 15.27 18.77 21.42
N GLY A 55 15.01 19.19 22.67
CA GLY A 55 14.43 20.48 23.03
C GLY A 55 12.92 20.49 23.18
N PHE A 56 12.27 19.38 23.49
CA PHE A 56 10.81 19.29 23.75
C PHE A 56 10.60 19.09 25.25
N LYS A 57 9.56 19.76 25.77
CA LYS A 57 9.14 19.69 27.19
C LYS A 57 7.78 18.98 27.24
N MET A 58 7.73 17.79 27.84
CA MET A 58 6.50 16.97 27.90
C MET A 58 5.75 17.25 29.21
N ASN A 59 6.18 18.25 29.99
CA ASN A 59 5.49 18.81 31.21
C ASN A 59 4.59 17.75 31.87
N TYR A 60 5.13 16.55 32.16
CA TYR A 60 4.38 15.37 32.66
C TYR A 60 2.90 15.54 32.26
N GLN A 61 2.55 15.13 31.03
CA GLN A 61 1.25 15.42 30.39
C GLN A 61 0.58 14.11 29.97
N VAL A 62 -0.74 13.99 30.18
CA VAL A 62 -1.54 12.75 29.95
C VAL A 62 -2.66 13.00 28.92
N ASN A 63 -2.39 13.82 27.89
CA ASN A 63 -3.44 14.42 27.01
C ASN A 63 -3.34 13.83 25.60
N GLY A 64 -3.10 12.51 25.48
CA GLY A 64 -3.16 11.79 24.19
C GLY A 64 -1.80 11.63 23.50
N TYR A 65 -0.74 12.27 24.00
CA TYR A 65 0.60 12.30 23.36
C TYR A 65 1.69 11.98 24.40
N PRO A 66 1.77 10.73 24.93
CA PRO A 66 2.72 10.41 25.99
C PRO A 66 4.17 10.34 25.49
N ASN A 67 4.38 10.04 24.20
CA ASN A 67 5.72 9.87 23.61
C ASN A 67 5.70 10.32 22.16
N MET A 68 6.72 11.08 21.72
CA MET A 68 6.93 11.42 20.28
C MET A 68 7.27 10.11 19.53
N PHE A 69 7.96 9.21 20.21
CA PHE A 69 8.41 7.93 19.65
C PHE A 69 7.34 6.88 19.92
N ILE A 70 7.24 5.88 19.05
CA ILE A 70 6.21 4.80 19.15
C ILE A 70 6.84 3.42 18.97
N THR A 71 6.10 2.39 19.36
CA THR A 71 6.46 0.96 19.19
C THR A 71 6.39 0.62 17.69
N ARG A 72 7.16 -0.38 17.28
CA ARG A 72 6.99 -1.16 16.03
C ARG A 72 5.50 -1.43 15.75
N GLU A 73 4.78 -2.06 16.68
CA GLU A 73 3.35 -2.41 16.61
C GLU A 73 2.55 -1.14 16.26
N GLU A 74 2.81 -0.03 16.93
CA GLU A 74 2.02 1.19 16.70
C GLU A 74 2.39 1.69 15.30
N ALA A 75 3.67 1.64 14.93
CA ALA A 75 4.12 2.08 13.59
C ALA A 75 3.38 1.27 12.53
N ILE A 76 3.17 -0.01 12.79
CA ILE A 76 2.58 -0.94 11.79
C ILE A 76 1.10 -0.61 11.64
N ARG A 77 0.39 -0.31 12.72
CA ARG A 77 -1.03 0.13 12.58
C ARG A 77 -1.07 1.43 11.78
N HIS A 78 0.02 2.21 11.74
CA HIS A 78 0.01 3.56 11.13
C HIS A 78 0.91 3.61 9.87
N VAL A 79 1.14 2.49 9.17
CA VAL A 79 2.03 2.44 7.98
C VAL A 79 1.64 3.52 6.95
N ARG A 80 0.37 3.91 6.85
CA ARG A 80 -0.04 4.94 5.87
C ARG A 80 0.63 6.28 6.19
N ALA A 81 1.02 6.52 7.45
CA ALA A 81 1.57 7.81 7.89
C ALA A 81 3.10 7.85 7.72
N TRP A 82 3.73 6.77 7.27
CA TRP A 82 5.21 6.70 7.27
C TRP A 82 5.79 7.68 6.25
N ILE A 83 6.72 8.51 6.71
CA ILE A 83 7.57 9.36 5.82
C ILE A 83 9.00 9.17 6.29
N GLY A 84 9.83 8.56 5.46
CA GLY A 84 11.24 8.43 5.78
C GLY A 84 11.81 9.83 5.88
N PHE A 85 12.73 10.05 6.82
CA PHE A 85 13.35 11.35 7.07
C PHE A 85 14.82 11.14 7.40
N ASP A 86 15.65 11.90 6.70
CA ASP A 86 17.10 11.90 6.87
C ASP A 86 17.61 13.35 6.74
N VAL A 87 18.60 13.70 7.56
CA VAL A 87 19.30 15.00 7.52
C VAL A 87 20.77 14.65 7.39
N GLU A 88 21.49 15.31 6.47
CA GLU A 88 22.96 15.23 6.31
C GLU A 88 23.55 16.64 6.48
N GLY A 89 24.54 16.79 7.38
CA GLY A 89 25.41 17.97 7.51
C GLY A 89 26.13 18.26 6.21
N CYS A 90 25.62 19.24 5.45
CA CYS A 90 25.92 19.58 4.03
C CYS A 90 27.38 20.06 3.84
N HIS A 91 28.02 20.58 4.91
CA HIS A 91 29.49 20.81 4.98
C HIS A 91 29.89 20.99 6.46
N GLY A 98 24.81 21.65 12.28
CA GLY A 98 24.81 21.85 13.75
C GLY A 98 24.80 23.33 14.13
N THR A 99 23.73 24.04 13.78
CA THR A 99 23.53 25.51 13.99
C THR A 99 24.65 26.29 13.32
N ASN A 100 25.90 25.80 13.44
CA ASN A 100 27.09 26.25 12.68
C ASN A 100 26.80 26.18 11.16
N LEU A 101 26.43 24.99 10.66
CA LEU A 101 26.52 24.65 9.21
C LEU A 101 25.13 24.41 8.60
N PRO A 102 25.02 24.43 7.26
CA PRO A 102 23.81 24.03 6.54
C PRO A 102 23.45 22.53 6.63
N LEU A 103 22.17 22.21 6.49
CA LEU A 103 21.61 20.84 6.61
C LEU A 103 20.78 20.50 5.38
N GLN A 104 21.00 19.31 4.84
CA GLN A 104 20.19 18.73 3.74
C GLN A 104 19.09 17.88 4.40
N LEU A 105 17.83 18.29 4.22
CA LEU A 105 16.62 17.61 4.73
C LEU A 105 16.08 16.77 3.58
N GLY A 106 16.06 15.44 3.73
CA GLY A 106 15.52 14.54 2.71
C GLY A 106 14.35 13.75 3.23
N PHE A 107 13.35 13.50 2.38
CA PHE A 107 12.10 12.77 2.72
C PHE A 107 11.85 11.71 1.65
N SER A 108 11.11 10.66 2.02
CA SER A 108 10.78 9.52 1.13
C SER A 108 9.87 9.96 -0.03
N THR A 109 9.38 11.20 -0.02
CA THR A 109 8.69 11.81 -1.20
C THR A 109 9.68 12.18 -2.32
N GLY A 110 10.99 12.08 -2.09
CA GLY A 110 12.01 12.39 -3.11
C GLY A 110 12.49 13.82 -2.95
N VAL A 111 11.96 14.55 -1.98
CA VAL A 111 12.29 15.98 -1.77
C VAL A 111 13.54 16.16 -0.88
N ASN A 112 14.44 17.03 -1.34
CA ASN A 112 15.62 17.54 -0.60
C ASN A 112 15.45 19.05 -0.42
N LEU A 113 15.44 19.53 0.82
CA LEU A 113 15.53 20.97 1.17
C LEU A 113 16.88 21.23 1.84
N VAL A 114 17.52 22.35 1.55
CA VAL A 114 18.71 22.83 2.28
C VAL A 114 18.22 23.93 3.22
N ALA A 115 18.45 23.79 4.53
CA ALA A 115 18.21 24.83 5.54
C ALA A 115 19.52 25.48 5.97
N VAL A 116 19.66 26.79 5.78
CA VAL A 116 20.77 27.62 6.33
C VAL A 116 20.31 28.23 7.64
N PRO A 117 21.21 28.39 8.63
CA PRO A 117 20.85 29.05 9.89
C PRO A 117 20.90 30.59 9.79
N THR A 118 21.65 31.09 8.79
CA THR A 118 21.88 32.52 8.46
C THR A 118 21.49 33.42 9.64
N PRO A 147 14.26 12.81 -6.47
CA PRO A 147 15.44 13.50 -7.04
C PRO A 147 15.45 15.02 -6.81
N LEU A 148 14.29 15.63 -6.48
CA LEU A 148 14.07 17.10 -6.42
C LEU A 148 15.00 17.73 -5.36
N MET A 149 15.83 18.70 -5.79
CA MET A 149 16.94 19.33 -5.00
C MET A 149 16.76 20.87 -5.01
N TYR A 150 16.53 21.47 -3.83
CA TYR A 150 16.27 22.92 -3.64
C TYR A 150 17.44 23.61 -2.93
N LYS A 151 17.78 24.83 -3.37
CA LYS A 151 18.89 25.69 -2.87
C LYS A 151 18.62 26.16 -1.43
N GLY A 152 19.66 26.69 -0.76
CA GLY A 152 19.66 27.04 0.68
C GLY A 152 18.72 28.17 1.07
N LEU A 153 17.88 27.93 2.07
CA LEU A 153 16.93 28.94 2.61
C LEU A 153 16.87 28.79 4.12
N PRO A 154 16.48 29.86 4.86
CA PRO A 154 16.32 29.77 6.30
C PRO A 154 15.12 28.92 6.77
N TRP A 155 15.21 28.50 8.02
CA TRP A 155 14.21 27.60 8.64
C TRP A 155 12.79 28.15 8.51
N ASN A 156 12.62 29.47 8.66
CA ASN A 156 11.28 30.11 8.68
C ASN A 156 10.56 29.87 7.33
N VAL A 157 11.25 29.71 6.19
CA VAL A 157 10.55 29.32 4.92
C VAL A 157 10.60 27.80 4.77
N VAL A 158 11.70 27.15 5.10
CA VAL A 158 11.82 25.66 4.97
C VAL A 158 10.62 25.06 5.72
N ARG A 159 10.25 25.55 6.91
CA ARG A 159 9.23 24.87 7.73
C ARG A 159 7.85 24.91 7.03
N ILE A 160 7.54 25.99 6.29
CA ILE A 160 6.27 26.19 5.53
C ILE A 160 6.14 25.12 4.42
N LYS A 161 7.24 24.91 3.69
CA LYS A 161 7.36 23.88 2.64
C LYS A 161 7.17 22.50 3.25
N ILE A 162 7.67 22.26 4.47
CA ILE A 162 7.54 20.93 5.14
C ILE A 162 6.06 20.68 5.40
N VAL A 163 5.34 21.66 5.91
CA VAL A 163 3.89 21.52 6.21
C VAL A 163 3.13 21.27 4.90
N GLN A 164 3.41 22.02 3.82
CA GLN A 164 2.71 21.90 2.51
C GLN A 164 2.91 20.48 1.99
N MET A 165 4.16 20.04 2.00
CA MET A 165 4.55 18.72 1.43
C MET A 165 3.86 17.58 2.20
N LEU A 166 3.94 17.58 3.54
CA LEU A 166 3.34 16.49 4.35
C LEU A 166 1.82 16.51 4.17
N SER A 167 1.19 17.69 4.22
CA SER A 167 -0.27 17.86 4.05
C SER A 167 -0.71 17.24 2.71
N ASP A 168 -0.07 17.61 1.61
CA ASP A 168 -0.45 17.13 0.25
C ASP A 168 -0.19 15.64 0.13
N THR A 169 0.85 15.13 0.80
CA THR A 169 1.20 13.68 0.75
C THR A 169 0.18 12.91 1.60
N LEU A 170 -0.18 13.41 2.79
CA LEU A 170 -0.84 12.53 3.80
C LEU A 170 -2.35 12.76 3.89
N LYS A 171 -2.93 13.81 3.34
CA LYS A 171 -4.32 14.21 3.71
C LYS A 171 -5.31 13.11 3.32
N ASN A 172 -5.03 12.35 2.28
CA ASN A 172 -5.92 11.24 1.82
C ASN A 172 -5.42 9.89 2.37
N LEU A 173 -4.37 9.88 3.20
CA LEU A 173 -3.76 8.60 3.67
C LEU A 173 -4.06 8.42 5.15
N SER A 174 -3.79 9.43 5.97
CA SER A 174 -3.66 9.25 7.44
C SER A 174 -4.07 10.50 8.19
N ASP A 175 -4.39 10.31 9.47
CA ASP A 175 -4.67 11.36 10.48
C ASP A 175 -3.37 11.85 11.16
N ARG A 176 -2.21 11.30 10.79
CA ARG A 176 -0.91 11.66 11.41
C ARG A 176 0.26 11.53 10.43
N VAL A 177 1.46 11.90 10.90
CA VAL A 177 2.76 11.54 10.27
C VAL A 177 3.56 10.70 11.24
N VAL A 178 4.18 9.61 10.72
CA VAL A 178 5.27 8.86 11.41
C VAL A 178 6.59 9.04 10.69
N PHE A 179 7.53 9.79 11.24
CA PHE A 179 8.87 9.95 10.65
C PHE A 179 9.65 8.68 10.93
N VAL A 180 10.03 8.00 9.86
CA VAL A 180 10.83 6.75 9.93
C VAL A 180 12.31 7.14 9.76
N LEU A 181 13.09 6.94 10.81
CA LEU A 181 14.50 7.36 10.90
C LEU A 181 15.45 6.14 10.84
N TRP A 182 16.65 6.38 10.31
CA TRP A 182 17.87 5.66 10.69
C TRP A 182 18.77 6.70 11.37
N ALA A 183 18.57 6.92 12.66
CA ALA A 183 18.97 8.18 13.33
C ALA A 183 20.49 8.26 13.52
N HIS A 184 21.13 9.34 13.07
CA HIS A 184 22.56 9.61 13.36
C HIS A 184 22.76 10.88 14.20
N GLY A 185 21.71 11.66 14.41
CA GLY A 185 21.69 12.78 15.38
C GLY A 185 21.13 14.07 14.79
N PHE A 186 21.58 14.49 13.61
CA PHE A 186 21.15 15.80 13.03
C PHE A 186 19.64 15.82 12.73
N GLU A 187 19.05 14.70 12.32
CA GLU A 187 17.58 14.66 12.07
C GLU A 187 16.90 14.95 13.40
N LEU A 188 17.36 14.33 14.48
CA LEU A 188 16.65 14.49 15.77
C LEU A 188 16.83 15.93 16.30
N THR A 189 18.02 16.50 16.31
CA THR A 189 18.23 17.88 16.79
C THR A 189 17.63 18.89 15.80
N SER A 190 17.22 18.51 14.60
CA SER A 190 16.68 19.50 13.63
C SER A 190 15.17 19.63 13.85
N MET A 191 14.56 18.75 14.63
CA MET A 191 13.08 18.70 14.70
C MET A 191 12.53 19.96 15.37
N LYS A 192 13.27 20.54 16.30
CA LYS A 192 12.80 21.72 17.06
C LYS A 192 12.54 22.89 16.09
N TYR A 193 13.13 22.84 14.89
CA TYR A 193 13.10 23.97 13.95
C TYR A 193 11.81 23.90 13.13
N PHE A 194 11.08 22.77 13.11
CA PHE A 194 9.80 22.68 12.35
C PHE A 194 8.69 21.90 13.06
N VAL A 195 8.86 21.50 14.31
CA VAL A 195 7.87 20.70 15.10
C VAL A 195 7.53 21.43 16.41
N LYS A 196 6.25 21.47 16.77
CA LYS A 196 5.72 21.87 18.09
C LYS A 196 4.90 20.71 18.63
N ILE A 197 4.85 20.57 19.94
CA ILE A 197 4.09 19.49 20.63
C ILE A 197 3.25 20.10 21.73
N GLY A 198 2.34 19.31 22.24
CA GLY A 198 1.42 19.75 23.28
C GLY A 198 0.32 18.71 23.38
N PRO A 199 -0.82 19.10 23.96
CA PRO A 199 -1.95 18.18 24.05
C PRO A 199 -2.57 17.91 22.67
N GLU A 200 -3.18 16.74 22.52
CA GLU A 200 -3.96 16.40 21.33
C GLU A 200 -4.98 17.50 21.14
N ARG A 201 -5.18 17.93 19.89
CA ARG A 201 -6.14 18.99 19.51
C ARG A 201 -6.91 18.54 18.29
N THR A 202 -7.93 19.32 17.91
CA THR A 202 -8.73 19.09 16.69
C THR A 202 -8.50 20.27 15.76
N CYS A 203 -8.71 20.03 14.46
CA CYS A 203 -8.65 21.10 13.42
C CYS A 203 -9.56 22.27 13.80
N CYS A 204 -9.21 23.48 13.43
CA CYS A 204 -10.03 24.70 13.65
C CYS A 204 -11.17 24.78 12.61
N LEU A 205 -11.19 23.93 11.59
CA LEU A 205 -12.20 23.93 10.49
C LEU A 205 -12.95 22.59 10.41
N CYS A 206 -12.48 21.51 11.07
CA CYS A 206 -13.17 20.20 11.03
C CYS A 206 -12.95 19.46 12.37
N ASP A 207 -13.35 18.19 12.44
CA ASP A 207 -13.33 17.37 13.67
C ASP A 207 -12.10 16.47 13.68
N ARG A 208 -11.30 16.49 12.62
CA ARG A 208 -10.08 15.66 12.51
C ARG A 208 -9.02 16.15 13.49
N ARG A 209 -8.23 15.21 14.01
CA ARG A 209 -7.10 15.55 14.91
C ARG A 209 -6.16 16.51 14.16
N ALA A 210 -5.61 17.45 14.92
CA ALA A 210 -4.69 18.51 14.46
C ALA A 210 -3.30 17.89 14.22
N THR A 211 -2.70 18.20 13.05
CA THR A 211 -1.37 17.75 12.62
C THR A 211 -0.43 18.93 12.33
N CYS A 212 -0.96 20.14 12.27
CA CYS A 212 -0.19 21.36 11.92
C CYS A 212 -0.57 22.53 12.85
N PHE A 213 0.31 23.51 12.96
CA PHE A 213 0.06 24.71 13.79
C PHE A 213 0.56 25.93 13.04
N SER A 214 -0.13 27.06 13.18
CA SER A 214 0.32 28.35 12.59
C SER A 214 0.67 29.33 13.72
N THR A 215 1.87 29.92 13.69
CA THR A 215 2.28 31.02 14.59
C THR A 215 1.56 32.33 14.19
N ALA A 216 1.23 32.54 12.91
CA ALA A 216 0.59 33.77 12.41
C ALA A 216 -0.81 33.93 13.05
N SER A 217 -1.64 32.90 12.98
CA SER A 217 -3.05 32.93 13.45
C SER A 217 -3.18 32.31 14.85
N ASP A 218 -2.17 31.64 15.36
CA ASP A 218 -2.29 30.90 16.65
C ASP A 218 -3.41 29.84 16.61
N THR A 219 -3.57 29.11 15.50
CA THR A 219 -4.59 28.05 15.35
C THR A 219 -3.92 26.74 14.91
N TYR A 220 -4.74 25.68 14.87
CA TYR A 220 -4.35 24.28 14.59
C TYR A 220 -5.16 23.73 13.41
N ALA A 221 -4.54 22.94 12.55
CA ALA A 221 -5.25 22.31 11.41
C ALA A 221 -4.87 20.85 11.32
N CYS A 222 -5.75 20.09 10.66
CA CYS A 222 -5.46 18.74 10.12
C CYS A 222 -4.74 18.91 8.77
N TRP A 223 -4.49 17.80 8.09
CA TRP A 223 -3.75 17.83 6.79
C TRP A 223 -4.61 18.51 5.71
N HIS A 224 -5.94 18.45 5.83
CA HIS A 224 -6.87 19.01 4.81
C HIS A 224 -6.91 20.53 4.87
N HIS A 225 -6.60 21.14 6.02
CA HIS A 225 -6.99 22.54 6.33
C HIS A 225 -5.78 23.41 6.69
N SER A 226 -4.58 23.02 6.28
CA SER A 226 -3.31 23.54 6.86
C SER A 226 -2.61 24.53 5.91
N ILE A 227 -3.28 24.98 4.85
CA ILE A 227 -2.62 25.85 3.83
C ILE A 227 -2.11 27.09 4.56
N GLY A 228 -0.82 27.41 4.40
CA GLY A 228 -0.20 28.58 5.04
C GLY A 228 0.22 28.32 6.48
N PHE A 229 0.09 27.10 6.98
CA PHE A 229 0.60 26.73 8.33
C PHE A 229 2.11 26.48 8.28
N ASP A 230 2.79 26.69 9.39
CA ASP A 230 4.28 26.80 9.43
C ASP A 230 4.93 25.74 10.32
N TYR A 231 4.19 24.99 11.14
CA TYR A 231 4.78 23.98 12.05
C TYR A 231 4.04 22.66 11.93
N VAL A 232 4.80 21.57 12.02
CA VAL A 232 4.25 20.21 12.21
C VAL A 232 3.93 20.08 13.69
N TYR A 233 2.70 19.70 14.00
CA TYR A 233 2.17 19.60 15.38
C TYR A 233 1.99 18.14 15.75
N ASN A 234 2.60 17.74 16.87
CA ASN A 234 2.51 16.36 17.46
C ASN A 234 2.77 15.31 16.39
N PRO A 235 3.95 15.38 15.72
CA PRO A 235 4.37 14.28 14.86
C PRO A 235 4.65 13.03 15.70
N PHE A 236 4.68 11.85 15.07
CA PHE A 236 5.30 10.63 15.64
C PHE A 236 6.59 10.26 14.90
N MET A 237 7.34 9.33 15.49
CA MET A 237 8.67 8.94 14.97
C MET A 237 9.11 7.59 15.52
N ILE A 238 9.99 6.91 14.76
CA ILE A 238 10.52 5.57 15.09
C ILE A 238 11.92 5.45 14.50
N ASP A 239 12.89 5.03 15.33
CA ASP A 239 14.30 4.93 14.85
C ASP A 239 14.58 3.47 14.52
N VAL A 240 14.76 3.16 13.23
CA VAL A 240 14.84 1.75 12.73
C VAL A 240 16.11 1.11 13.32
N GLN A 241 17.10 1.94 13.61
CA GLN A 241 18.37 1.53 14.23
C GLN A 241 18.15 0.95 15.64
N GLN A 242 16.96 1.08 16.27
CA GLN A 242 16.66 0.46 17.59
C GLN A 242 16.26 -1.01 17.42
N TRP A 243 16.09 -1.48 16.19
CA TRP A 243 15.52 -2.82 15.89
C TRP A 243 16.59 -3.91 15.91
N GLY A 244 17.87 -3.55 16.07
CA GLY A 244 18.97 -4.50 16.30
C GLY A 244 19.46 -5.05 15.01
N PHE A 245 19.99 -4.16 14.16
CA PHE A 245 20.70 -4.46 12.90
C PHE A 245 22.20 -4.32 13.13
N THR A 246 22.98 -5.08 12.35
CA THR A 246 24.45 -4.97 12.17
C THR A 246 24.73 -4.21 10.88
N GLY A 247 25.74 -3.34 10.93
CA GLY A 247 26.18 -2.57 9.75
C GLY A 247 25.19 -1.46 9.41
N ASN A 248 25.53 -0.72 8.37
CA ASN A 248 24.88 0.56 8.01
C ASN A 248 23.56 0.30 7.26
N LEU A 249 22.83 1.38 7.03
CA LEU A 249 21.57 1.42 6.24
C LEU A 249 21.77 0.78 4.87
N GLN A 250 22.74 1.26 4.10
CA GLN A 250 22.85 0.84 2.67
C GLN A 250 23.01 -0.69 2.62
N SER A 251 23.86 -1.23 3.49
CA SER A 251 24.21 -2.68 3.50
C SER A 251 22.97 -3.48 3.90
N ASN A 252 22.12 -2.98 4.79
CA ASN A 252 20.94 -3.75 5.24
C ASN A 252 19.85 -3.65 4.16
N HIS A 253 19.65 -2.46 3.61
CA HIS A 253 18.62 -2.17 2.57
C HIS A 253 18.90 -3.04 1.35
N ASP A 254 20.16 -2.99 0.87
CA ASP A 254 20.65 -3.63 -0.37
C ASP A 254 20.59 -5.16 -0.28
N LEU A 255 20.49 -5.76 0.91
CA LEU A 255 20.26 -7.21 1.03
C LEU A 255 18.95 -7.59 0.33
N TYR A 256 17.94 -6.73 0.37
CA TYR A 256 16.51 -7.04 0.08
C TYR A 256 16.00 -6.35 -1.18
N CYS A 257 16.68 -5.30 -1.66
CA CYS A 257 16.09 -4.35 -2.63
C CYS A 257 17.15 -3.79 -3.56
N GLN A 258 16.92 -3.90 -4.87
CA GLN A 258 17.84 -3.46 -5.95
C GLN A 258 17.26 -2.23 -6.64
N VAL A 259 16.14 -1.66 -6.18
CA VAL A 259 15.38 -0.64 -6.96
C VAL A 259 15.77 0.76 -6.50
N HIS A 260 16.05 0.95 -5.22
CA HIS A 260 16.47 2.25 -4.65
C HIS A 260 18.00 2.34 -4.65
N GLY A 261 18.57 3.21 -5.47
CA GLY A 261 20.03 3.45 -5.49
C GLY A 261 20.46 4.26 -4.28
N ASN A 262 21.73 4.64 -4.20
CA ASN A 262 22.23 5.55 -3.14
C ASN A 262 23.07 6.65 -3.75
N ALA A 263 22.43 7.64 -4.35
CA ALA A 263 23.08 8.85 -4.91
C ALA A 263 23.78 9.68 -3.82
N HIS A 264 23.75 9.30 -2.53
CA HIS A 264 24.43 10.03 -1.41
C HIS A 264 23.81 11.44 -1.25
N VAL A 265 22.51 11.55 -1.53
CA VAL A 265 21.64 12.66 -1.07
C VAL A 265 20.66 12.09 -0.05
N ALA A 266 20.18 12.97 0.80
CA ALA A 266 19.38 12.68 2.01
C ALA A 266 18.07 11.95 1.64
N SER A 267 17.41 12.29 0.54
CA SER A 267 16.14 11.65 0.11
C SER A 267 16.42 10.17 -0.19
N CYS A 268 17.60 9.87 -0.73
CA CYS A 268 18.01 8.48 -1.02
C CYS A 268 17.98 7.67 0.27
N ASP A 269 18.59 8.18 1.34
CA ASP A 269 18.60 7.50 2.66
C ASP A 269 17.17 7.39 3.22
N ALA A 270 16.39 8.46 3.08
CA ALA A 270 15.01 8.53 3.62
C ALA A 270 14.16 7.43 2.99
N ILE A 271 14.28 7.28 1.67
CA ILE A 271 13.58 6.24 0.86
C ILE A 271 14.05 4.85 1.29
N MET A 272 15.35 4.65 1.36
CA MET A 272 15.95 3.35 1.79
C MET A 272 15.48 2.99 3.21
N THR A 273 15.37 3.97 4.13
CA THR A 273 15.02 3.77 5.55
C THR A 273 13.59 3.23 5.60
N ARG A 274 12.65 3.93 4.95
CA ARG A 274 11.24 3.46 4.85
C ARG A 274 11.17 2.08 4.19
N CYS A 275 11.91 1.87 3.09
CA CYS A 275 11.99 0.57 2.34
C CYS A 275 12.40 -0.52 3.35
N LEU A 276 13.50 -0.31 4.06
CA LEU A 276 13.99 -1.35 4.99
C LEU A 276 12.89 -1.66 6.01
N ALA A 277 12.24 -0.63 6.53
CA ALA A 277 11.17 -0.74 7.54
C ALA A 277 9.98 -1.51 6.95
N VAL A 278 9.58 -1.22 5.72
CA VAL A 278 8.45 -1.97 5.10
C VAL A 278 8.85 -3.44 4.97
N HIS A 279 10.11 -3.71 4.60
CA HIS A 279 10.60 -5.10 4.40
C HIS A 279 10.45 -5.83 5.75
N GLU A 280 10.88 -5.20 6.84
CA GLU A 280 10.93 -5.84 8.18
C GLU A 280 9.52 -6.08 8.72
N CYS A 281 8.57 -5.19 8.43
CA CYS A 281 7.24 -5.22 9.08
C CYS A 281 6.19 -5.90 8.18
N PHE A 282 6.39 -6.00 6.86
CA PHE A 282 5.35 -6.50 5.91
C PHE A 282 5.84 -7.58 4.94
N VAL A 283 7.15 -7.83 4.84
CA VAL A 283 7.71 -8.89 3.94
C VAL A 283 8.21 -10.05 4.82
N LYS A 284 9.32 -9.87 5.52
CA LYS A 284 9.89 -10.92 6.40
C LYS A 284 8.80 -11.34 7.41
N ARG A 285 8.21 -10.37 8.12
CA ARG A 285 7.10 -10.58 9.08
C ARG A 285 5.81 -10.10 8.41
N VAL A 286 4.71 -10.83 8.59
CA VAL A 286 3.36 -10.48 8.06
C VAL A 286 2.36 -10.69 9.20
N ASP A 287 1.51 -9.69 9.48
CA ASP A 287 0.36 -9.85 10.39
C ASP A 287 -0.93 -9.44 9.70
N TRP A 288 -1.75 -10.43 9.30
CA TRP A 288 -2.99 -10.23 8.51
C TRP A 288 -4.17 -9.99 9.45
N THR A 289 -3.97 -10.01 10.77
CA THR A 289 -5.04 -9.72 11.76
C THR A 289 -5.27 -8.21 11.82
N ILE A 290 -4.22 -7.42 11.66
CA ILE A 290 -4.31 -5.93 11.83
C ILE A 290 -5.28 -5.41 10.78
N GLU A 291 -6.30 -4.69 11.22
CA GLU A 291 -7.28 -4.01 10.33
C GLU A 291 -6.75 -2.60 10.09
N TYR A 292 -7.22 -1.91 9.06
CA TYR A 292 -6.80 -0.54 8.69
C TYR A 292 -8.06 0.22 8.34
N PRO A 293 -8.23 1.49 8.77
CA PRO A 293 -9.44 2.24 8.46
C PRO A 293 -9.79 2.36 6.97
N ILE A 294 -11.06 2.66 6.68
CA ILE A 294 -11.57 2.96 5.31
C ILE A 294 -11.14 4.39 4.98
N ILE A 295 -10.57 4.62 3.79
CA ILE A 295 -10.08 5.96 3.40
C ILE A 295 -10.45 6.28 1.95
N GLY A 296 -11.07 5.32 1.26
CA GLY A 296 -11.46 5.46 -0.16
C GLY A 296 -12.50 4.44 -0.59
N ASP A 297 -12.29 3.85 -1.76
CA ASP A 297 -13.29 3.00 -2.44
C ASP A 297 -13.11 1.54 -2.03
N GLU A 298 -12.53 1.25 -0.86
CA GLU A 298 -12.24 -0.14 -0.45
C GLU A 298 -13.48 -1.03 -0.66
N LEU A 299 -14.65 -0.63 -0.17
CA LEU A 299 -15.84 -1.53 -0.21
C LEU A 299 -16.26 -1.78 -1.66
N LYS A 300 -16.40 -0.73 -2.45
CA LYS A 300 -16.84 -0.85 -3.86
C LYS A 300 -15.89 -1.78 -4.61
N ILE A 301 -14.58 -1.64 -4.37
CA ILE A 301 -13.51 -2.39 -5.07
C ILE A 301 -13.61 -3.86 -4.70
N ASN A 302 -13.83 -4.14 -3.41
CA ASN A 302 -13.84 -5.55 -2.94
C ASN A 302 -15.10 -6.22 -3.52
N ALA A 303 -16.23 -5.51 -3.54
CA ALA A 303 -17.49 -6.00 -4.14
C ALA A 303 -17.27 -6.24 -5.64
N ALA A 304 -16.60 -5.32 -6.32
CA ALA A 304 -16.34 -5.39 -7.78
C ALA A 304 -15.55 -6.67 -8.07
N CYS A 305 -14.53 -6.94 -7.27
CA CYS A 305 -13.60 -8.09 -7.47
C CYS A 305 -14.41 -9.37 -7.33
N ARG A 306 -15.33 -9.44 -6.35
CA ARG A 306 -16.22 -10.62 -6.17
C ARG A 306 -17.11 -10.78 -7.40
N LYS A 307 -17.64 -9.69 -7.95
CA LYS A 307 -18.57 -9.73 -9.12
C LYS A 307 -17.80 -10.15 -10.37
N VAL A 308 -16.59 -9.63 -10.56
CA VAL A 308 -15.84 -9.90 -11.79
C VAL A 308 -15.39 -11.35 -11.76
N GLN A 309 -15.08 -11.86 -10.59
CA GLN A 309 -14.53 -13.23 -10.44
C GLN A 309 -15.63 -14.26 -10.76
N HIS A 310 -16.84 -14.06 -10.24
CA HIS A 310 -18.00 -14.97 -10.51
C HIS A 310 -18.29 -14.94 -12.02
N MET A 311 -18.32 -13.74 -12.60
CA MET A 311 -18.67 -13.51 -14.02
C MET A 311 -17.69 -14.27 -14.89
N VAL A 312 -16.41 -14.00 -14.72
CA VAL A 312 -15.34 -14.53 -15.62
C VAL A 312 -15.22 -16.05 -15.50
N VAL A 313 -15.26 -16.59 -14.29
CA VAL A 313 -15.12 -18.06 -14.09
C VAL A 313 -16.41 -18.73 -14.58
N LYS A 314 -17.57 -18.14 -14.29
CA LYS A 314 -18.84 -18.72 -14.80
C LYS A 314 -18.76 -18.81 -16.34
N ALA A 315 -18.38 -17.73 -17.02
CA ALA A 315 -18.30 -17.68 -18.50
C ALA A 315 -17.28 -18.69 -19.05
N ALA A 316 -16.11 -18.80 -18.42
CA ALA A 316 -15.07 -19.78 -18.81
C ALA A 316 -15.62 -21.20 -18.73
N LEU A 317 -16.35 -21.54 -17.69
CA LEU A 317 -16.84 -22.92 -17.50
C LEU A 317 -17.89 -23.22 -18.58
N LEU A 318 -18.80 -22.27 -18.88
CA LEU A 318 -19.89 -22.38 -19.90
C LEU A 318 -19.29 -22.49 -21.31
N ALA A 319 -18.24 -21.71 -21.60
CA ALA A 319 -17.60 -21.62 -22.94
C ALA A 319 -16.76 -22.87 -23.25
N ASP A 320 -15.99 -23.37 -22.28
CA ASP A 320 -15.00 -24.45 -22.58
C ASP A 320 -15.35 -25.72 -21.80
N LYS A 321 -16.36 -25.68 -20.92
CA LYS A 321 -16.92 -26.89 -20.24
C LYS A 321 -15.80 -27.74 -19.64
N PHE A 322 -14.82 -27.11 -18.99
CA PHE A 322 -13.72 -27.78 -18.26
C PHE A 322 -14.30 -28.75 -17.23
N PRO A 323 -13.83 -30.01 -17.20
CA PRO A 323 -14.32 -30.98 -16.22
C PRO A 323 -13.82 -30.74 -14.77
N VAL A 324 -12.71 -30.04 -14.60
CA VAL A 324 -12.01 -29.84 -13.30
C VAL A 324 -11.45 -28.41 -13.27
N LEU A 325 -11.66 -27.71 -12.16
CA LEU A 325 -11.03 -26.41 -11.88
C LEU A 325 -10.08 -26.54 -10.69
N HIS A 326 -8.83 -26.13 -10.86
CA HIS A 326 -7.80 -26.07 -9.78
C HIS A 326 -7.71 -24.63 -9.27
N ASP A 327 -8.17 -24.42 -8.05
CA ASP A 327 -8.31 -23.09 -7.41
C ASP A 327 -7.11 -22.91 -6.48
N ILE A 328 -6.12 -22.11 -6.92
CA ILE A 328 -4.81 -22.01 -6.21
C ILE A 328 -4.75 -20.68 -5.49
N GLY A 329 -4.62 -20.70 -4.17
CA GLY A 329 -4.33 -19.48 -3.41
C GLY A 329 -4.98 -19.51 -2.06
N ASN A 330 -5.64 -18.41 -1.68
CA ASN A 330 -6.04 -18.21 -0.28
C ASN A 330 -6.65 -19.50 0.26
N PRO A 331 -6.12 -20.06 1.39
CA PRO A 331 -6.69 -21.26 1.98
C PRO A 331 -8.11 -21.07 2.59
N LYS A 332 -8.63 -19.83 2.66
CA LYS A 332 -9.99 -19.52 3.16
C LYS A 332 -10.97 -19.33 1.99
N ALA A 333 -10.46 -19.36 0.74
CA ALA A 333 -11.21 -19.20 -0.55
C ALA A 333 -12.44 -20.11 -0.60
N ILE A 334 -13.53 -19.58 -1.16
CA ILE A 334 -14.83 -20.28 -1.41
C ILE A 334 -14.97 -20.41 -2.92
N LYS A 335 -15.75 -21.42 -3.36
CA LYS A 335 -16.20 -21.60 -4.75
C LYS A 335 -16.87 -20.30 -5.21
N CYS A 336 -16.31 -19.63 -6.23
CA CYS A 336 -16.81 -18.32 -6.71
C CYS A 336 -18.01 -18.53 -7.65
N VAL A 337 -18.18 -19.75 -8.16
CA VAL A 337 -19.34 -20.18 -9.01
C VAL A 337 -19.92 -21.47 -8.43
N PRO A 338 -20.71 -21.37 -7.33
CA PRO A 338 -21.13 -22.55 -6.56
C PRO A 338 -22.14 -23.46 -7.28
N GLN A 339 -22.84 -22.99 -8.31
CA GLN A 339 -23.81 -23.88 -9.01
C GLN A 339 -23.10 -24.63 -10.14
N ALA A 340 -21.87 -24.26 -10.52
CA ALA A 340 -21.20 -24.79 -11.73
C ALA A 340 -20.99 -26.31 -11.62
N ASP A 341 -21.00 -27.02 -12.76
CA ASP A 341 -20.99 -28.51 -12.87
C ASP A 341 -19.69 -29.16 -12.33
N VAL A 342 -18.57 -28.48 -12.48
CA VAL A 342 -17.14 -28.91 -12.45
C VAL A 342 -16.66 -29.56 -11.13
N GLU A 343 -15.61 -30.36 -11.19
CA GLU A 343 -14.84 -30.78 -10.00
C GLU A 343 -14.00 -29.58 -9.56
N TRP A 344 -14.30 -29.03 -8.40
CA TRP A 344 -13.61 -27.89 -7.78
C TRP A 344 -12.61 -28.44 -6.77
N LYS A 345 -11.33 -28.21 -7.02
CA LYS A 345 -10.17 -28.73 -6.25
C LYS A 345 -9.37 -27.51 -5.80
N PHE A 346 -9.16 -27.39 -4.48
CA PHE A 346 -8.48 -26.25 -3.84
C PHE A 346 -7.06 -26.67 -3.47
N TYR A 347 -6.16 -25.70 -3.55
CA TYR A 347 -4.71 -25.81 -3.28
C TYR A 347 -4.38 -24.59 -2.43
N ASP A 348 -3.73 -24.79 -1.30
CA ASP A 348 -3.48 -23.73 -0.29
C ASP A 348 -2.15 -23.06 -0.59
N ALA A 349 -2.18 -21.75 -0.72
CA ALA A 349 -0.97 -20.90 -0.73
C ALA A 349 -1.34 -19.55 -0.14
N GLN A 350 -0.59 -19.14 0.88
CA GLN A 350 -0.70 -17.79 1.44
C GLN A 350 -0.20 -16.81 0.38
N PRO A 351 -0.67 -15.53 0.45
CA PRO A 351 -0.12 -14.43 -0.32
C PRO A 351 1.40 -14.43 -0.17
N CYS A 352 2.12 -14.49 -1.29
CA CYS A 352 3.59 -14.39 -1.29
C CYS A 352 3.90 -12.91 -1.14
N SER A 353 4.49 -12.52 -0.03
CA SER A 353 4.80 -11.10 0.28
C SER A 353 6.11 -10.72 -0.41
N ASP A 354 7.00 -11.69 -0.68
CA ASP A 354 8.43 -11.42 -0.96
C ASP A 354 8.71 -11.56 -2.47
N LYS A 355 8.89 -12.80 -2.93
CA LYS A 355 9.13 -13.13 -4.36
C LYS A 355 7.88 -13.87 -4.85
N ALA A 356 7.48 -13.71 -6.11
CA ALA A 356 6.36 -14.51 -6.68
C ALA A 356 6.71 -15.99 -6.48
N TYR A 357 5.72 -16.83 -6.26
CA TYR A 357 5.92 -18.28 -6.18
C TYR A 357 6.45 -18.80 -7.51
N LYS A 358 7.31 -19.81 -7.46
CA LYS A 358 7.69 -20.58 -8.66
C LYS A 358 6.58 -21.63 -8.89
N ILE A 359 6.01 -21.65 -10.08
CA ILE A 359 4.98 -22.68 -10.42
C ILE A 359 5.53 -24.08 -10.06
N GLU A 360 6.81 -24.36 -10.31
CA GLU A 360 7.45 -25.66 -10.00
C GLU A 360 7.29 -25.98 -8.50
N GLU A 361 7.43 -24.97 -7.63
CA GLU A 361 7.36 -25.14 -6.15
C GLU A 361 5.92 -25.46 -5.74
N LEU A 362 4.93 -24.82 -6.37
CA LEU A 362 3.50 -25.11 -6.07
C LEU A 362 3.17 -26.56 -6.41
N PHE A 363 3.75 -27.13 -7.47
CA PHE A 363 3.44 -28.50 -7.94
C PHE A 363 4.32 -29.53 -7.21
N TYR A 364 5.49 -29.15 -6.67
CA TYR A 364 6.42 -30.08 -5.98
C TYR A 364 5.67 -30.80 -4.85
N SER A 365 5.68 -32.14 -4.92
CA SER A 365 4.78 -33.08 -4.19
C SER A 365 5.61 -33.97 -3.25
N TYR A 366 6.87 -33.64 -3.05
CA TYR A 366 7.79 -34.49 -2.25
C TYR A 366 7.68 -35.92 -2.81
N ALA A 367 7.34 -36.93 -2.00
CA ALA A 367 7.42 -38.37 -2.36
C ALA A 367 6.06 -38.89 -2.87
N THR A 368 5.11 -38.02 -3.19
CA THR A 368 3.78 -38.41 -3.76
C THR A 368 3.65 -37.71 -5.12
N HIS A 369 2.75 -38.17 -5.97
CA HIS A 369 2.45 -37.54 -7.29
C HIS A 369 1.72 -36.21 -7.06
N SER A 370 2.17 -35.15 -7.74
CA SER A 370 1.40 -33.88 -7.91
C SER A 370 0.09 -34.16 -8.68
N ASP A 371 -1.03 -33.48 -8.36
CA ASP A 371 -2.27 -33.48 -9.19
C ASP A 371 -1.89 -32.97 -10.59
N LYS A 372 -2.52 -33.51 -11.65
CA LYS A 372 -2.28 -33.00 -13.03
C LYS A 372 -3.03 -31.67 -13.19
N PHE A 373 -2.28 -30.60 -13.47
CA PHE A 373 -2.81 -29.24 -13.75
C PHE A 373 -3.31 -29.15 -15.19
N THR A 374 -2.71 -29.93 -16.10
CA THR A 374 -2.95 -29.86 -17.57
C THR A 374 -4.42 -30.17 -17.84
N ASP A 375 -5.07 -30.93 -16.97
CA ASP A 375 -6.51 -31.29 -17.05
C ASP A 375 -7.34 -30.10 -16.56
N GLY A 376 -8.16 -29.52 -17.44
CA GLY A 376 -9.15 -28.50 -17.11
C GLY A 376 -8.52 -27.13 -17.00
N VAL A 377 -8.89 -26.37 -15.99
CA VAL A 377 -8.40 -24.97 -15.90
C VAL A 377 -7.84 -24.67 -14.49
N CYS A 378 -6.85 -23.81 -14.43
CA CYS A 378 -6.25 -23.29 -13.19
C CYS A 378 -6.74 -21.86 -12.96
N LEU A 379 -7.20 -21.59 -11.75
CA LEU A 379 -7.61 -20.25 -11.29
C LEU A 379 -6.61 -19.77 -10.25
N PHE A 380 -5.87 -18.72 -10.60
CA PHE A 380 -4.94 -17.97 -9.73
C PHE A 380 -5.58 -16.61 -9.50
N TRP A 381 -6.43 -16.52 -8.49
CA TRP A 381 -7.08 -15.23 -8.13
C TRP A 381 -6.22 -14.55 -7.05
N ASN A 382 -5.37 -13.61 -7.48
CA ASN A 382 -4.35 -12.90 -6.68
C ASN A 382 -3.44 -13.91 -6.02
N CYS A 383 -3.03 -14.92 -6.78
CA CYS A 383 -1.94 -15.82 -6.36
C CYS A 383 -0.78 -15.66 -7.35
N ASN A 384 0.28 -14.95 -6.92
CA ASN A 384 1.34 -14.34 -7.75
C ASN A 384 2.45 -15.37 -8.00
N VAL A 385 2.54 -15.88 -9.23
CA VAL A 385 3.59 -16.85 -9.62
C VAL A 385 4.43 -16.26 -10.76
N ASP A 386 5.57 -16.90 -10.98
CA ASP A 386 6.60 -16.42 -11.94
C ASP A 386 6.10 -16.58 -13.39
N ARG A 387 5.37 -17.66 -13.66
CA ARG A 387 4.93 -18.03 -15.03
C ARG A 387 3.69 -18.92 -14.91
N TYR A 388 2.54 -18.36 -15.28
CA TYR A 388 1.25 -19.08 -15.25
C TYR A 388 1.27 -20.12 -16.35
N PRO A 389 0.68 -21.30 -16.10
CA PRO A 389 0.37 -22.26 -17.14
C PRO A 389 -0.59 -21.67 -18.17
N ALA A 390 -0.64 -22.25 -19.37
CA ALA A 390 -1.46 -21.84 -20.54
C ALA A 390 -2.94 -21.95 -20.16
N ASN A 391 -3.33 -22.99 -19.40
CA ASN A 391 -4.76 -23.22 -19.08
C ASN A 391 -5.12 -22.50 -17.78
N SER A 392 -4.93 -21.18 -17.70
CA SER A 392 -5.19 -20.38 -16.48
C SER A 392 -6.20 -19.26 -16.73
N ILE A 393 -6.90 -18.91 -15.65
CA ILE A 393 -7.65 -17.64 -15.43
C ILE A 393 -6.90 -16.92 -14.32
N VAL A 394 -6.51 -15.66 -14.51
CA VAL A 394 -5.60 -14.97 -13.53
C VAL A 394 -6.09 -13.56 -13.24
N CYS A 395 -6.21 -13.24 -11.97
CA CYS A 395 -6.25 -11.86 -11.46
C CYS A 395 -4.89 -11.55 -10.80
N ARG A 396 -4.16 -10.54 -11.27
CA ARG A 396 -2.83 -10.17 -10.72
C ARG A 396 -2.76 -8.66 -10.49
N PHE A 397 -2.47 -8.26 -9.26
CA PHE A 397 -2.40 -6.84 -8.84
C PHE A 397 -1.18 -6.19 -9.48
N ASP A 398 -1.37 -5.02 -10.08
CA ASP A 398 -0.32 -4.24 -10.78
C ASP A 398 0.25 -3.27 -9.73
N THR A 399 1.42 -3.61 -9.23
CA THR A 399 2.12 -2.87 -8.17
C THR A 399 2.37 -1.44 -8.63
N ARG A 400 2.42 -1.12 -9.93
CA ARG A 400 2.81 0.23 -10.43
C ARG A 400 1.64 1.21 -10.31
N VAL A 401 0.42 0.75 -10.05
CA VAL A 401 -0.78 1.64 -10.05
C VAL A 401 -0.61 2.71 -8.97
N LEU A 402 -0.93 3.97 -9.32
CA LEU A 402 -1.03 5.13 -8.40
C LEU A 402 -2.43 5.21 -7.78
N SER A 403 -2.51 5.07 -6.46
CA SER A 403 -3.78 5.20 -5.68
C SER A 403 -3.47 5.44 -4.21
N ASN A 404 -4.51 5.80 -3.44
CA ASN A 404 -4.39 6.07 -1.98
C ASN A 404 -4.26 4.73 -1.25
N LEU A 405 -4.61 3.64 -1.89
CA LEU A 405 -4.58 2.31 -1.24
C LEU A 405 -3.19 1.71 -1.37
N ASN A 406 -2.51 2.06 -2.45
CA ASN A 406 -1.23 1.42 -2.88
C ASN A 406 -0.06 2.30 -2.46
N LEU A 407 0.67 1.86 -1.45
CA LEU A 407 1.90 2.52 -0.94
C LEU A 407 3.13 1.90 -1.58
N PRO A 408 4.16 2.73 -1.85
CA PRO A 408 5.46 2.23 -2.32
C PRO A 408 6.01 1.10 -1.45
N GLY A 409 6.57 0.08 -2.05
CA GLY A 409 7.06 -1.10 -1.31
C GLY A 409 8.55 -1.36 -1.50
N CYS A 410 8.98 -2.61 -1.27
N CYS A 410 8.93 -2.62 -1.34
CA CYS A 410 10.39 -3.09 -1.27
CA CYS A 410 10.32 -3.12 -1.39
C CYS A 410 10.72 -3.82 -2.59
C CYS A 410 10.64 -3.74 -2.74
N ASP A 411 11.85 -3.45 -3.22
CA ASP A 411 12.41 -4.14 -4.39
C ASP A 411 11.37 -4.15 -5.53
N GLY A 412 10.67 -3.03 -5.74
CA GLY A 412 9.75 -2.82 -6.88
C GLY A 412 8.33 -3.28 -6.56
N GLY A 413 8.13 -4.03 -5.48
CA GLY A 413 6.79 -4.36 -4.97
C GLY A 413 6.06 -3.16 -4.33
N SER A 414 4.83 -3.36 -3.91
CA SER A 414 3.94 -2.30 -3.39
C SER A 414 3.18 -2.88 -2.20
N LEU A 415 2.86 -1.99 -1.25
CA LEU A 415 2.08 -2.35 -0.04
C LEU A 415 0.66 -1.88 -0.31
N TYR A 416 -0.22 -2.81 -0.63
CA TYR A 416 -1.64 -2.52 -0.97
C TYR A 416 -2.38 -2.64 0.34
N VAL A 417 -2.97 -1.52 0.79
CA VAL A 417 -3.69 -1.52 2.09
C VAL A 417 -5.16 -1.21 1.84
N ASN A 418 -5.97 -2.24 2.08
CA ASN A 418 -7.44 -2.30 1.87
C ASN A 418 -7.96 -3.31 2.89
N LYS A 419 -8.50 -2.80 3.99
CA LYS A 419 -8.82 -3.55 5.25
C LYS A 419 -7.54 -4.12 5.88
N HIS A 420 -6.77 -4.93 5.13
CA HIS A 420 -5.52 -5.57 5.58
C HIS A 420 -4.38 -5.03 4.73
N ALA A 421 -3.13 -5.29 5.13
CA ALA A 421 -1.91 -4.85 4.43
C ALA A 421 -1.26 -6.04 3.72
N PHE A 422 -1.07 -5.94 2.41
CA PHE A 422 -0.55 -7.02 1.56
C PHE A 422 0.65 -6.51 0.79
N HIS A 423 1.86 -6.84 1.20
CA HIS A 423 3.02 -6.52 0.34
C HIS A 423 2.94 -7.45 -0.86
N THR A 424 3.10 -6.91 -2.07
CA THR A 424 2.91 -7.65 -3.33
C THR A 424 4.22 -7.55 -4.12
N PRO A 425 4.75 -8.66 -4.65
CA PRO A 425 5.96 -8.60 -5.47
C PRO A 425 5.74 -7.79 -6.75
N ALA A 426 6.79 -7.19 -7.28
CA ALA A 426 6.73 -6.30 -8.45
C ALA A 426 5.97 -6.98 -9.58
N PHE A 427 5.07 -6.25 -10.20
CA PHE A 427 4.39 -6.70 -11.43
C PHE A 427 5.45 -6.99 -12.51
N ASP A 428 5.24 -8.09 -13.25
CA ASP A 428 6.16 -8.63 -14.27
C ASP A 428 5.31 -9.16 -15.43
N LYS A 429 5.39 -8.52 -16.58
CA LYS A 429 4.58 -8.84 -17.79
C LYS A 429 4.91 -10.26 -18.26
N SER A 430 6.16 -10.71 -18.07
CA SER A 430 6.62 -12.02 -18.57
C SER A 430 5.88 -13.15 -17.85
N ALA A 431 5.24 -12.92 -16.70
CA ALA A 431 4.48 -13.98 -15.98
C ALA A 431 3.31 -14.48 -16.85
N PHE A 432 2.83 -13.64 -17.76
CA PHE A 432 1.60 -13.85 -18.56
C PHE A 432 1.92 -14.34 -19.99
N VAL A 433 3.13 -14.84 -20.27
CA VAL A 433 3.56 -15.15 -21.67
C VAL A 433 2.58 -16.16 -22.27
N ASN A 434 2.08 -17.10 -21.46
CA ASN A 434 1.20 -18.18 -21.98
C ASN A 434 -0.27 -17.72 -22.11
N LEU A 435 -0.58 -16.48 -21.75
CA LEU A 435 -1.98 -16.00 -21.66
C LEU A 435 -2.18 -14.77 -22.55
N LYS A 436 -3.40 -14.24 -22.55
CA LYS A 436 -3.76 -12.95 -23.15
C LYS A 436 -4.58 -12.14 -22.14
N GLN A 437 -4.71 -10.86 -22.39
CA GLN A 437 -5.56 -9.98 -21.56
C GLN A 437 -6.99 -10.51 -21.65
N LEU A 438 -7.74 -10.51 -20.55
CA LEU A 438 -9.16 -10.90 -20.63
C LEU A 438 -9.92 -9.71 -21.21
N PRO A 439 -10.66 -9.86 -22.33
CA PRO A 439 -11.47 -8.73 -22.82
C PRO A 439 -12.66 -8.50 -21.89
N PHE A 440 -13.15 -7.26 -21.80
CA PHE A 440 -14.41 -6.91 -21.09
C PHE A 440 -15.58 -7.62 -21.78
N PHE A 441 -16.49 -8.15 -20.97
CA PHE A 441 -17.81 -8.67 -21.44
C PHE A 441 -18.71 -8.82 -20.23
N TYR A 442 -20.00 -8.74 -20.51
CA TYR A 442 -21.07 -9.00 -19.55
C TYR A 442 -21.86 -10.22 -20.03
N TYR A 443 -22.05 -11.22 -19.19
CA TYR A 443 -22.83 -12.42 -19.55
C TYR A 443 -23.92 -12.61 -18.50
N SER A 444 -25.13 -12.88 -18.96
CA SER A 444 -26.26 -13.24 -18.09
C SER A 444 -27.22 -14.17 -18.83
N ASP A 445 -27.58 -15.24 -18.14
CA ASP A 445 -28.60 -16.26 -18.45
C ASP A 445 -29.87 -15.89 -17.68
N SER A 446 -29.84 -14.83 -16.86
CA SER A 446 -31.00 -14.43 -16.03
C SER A 446 -32.18 -14.03 -16.93
N PRO A 447 -33.43 -14.23 -16.48
CA PRO A 447 -34.58 -13.89 -17.31
C PRO A 447 -34.66 -12.39 -17.61
N CYS A 448 -35.27 -12.02 -18.74
CA CYS A 448 -35.47 -10.60 -19.15
C CYS A 448 -36.71 -10.04 -18.46
N GLU A 449 -36.53 -9.32 -17.35
CA GLU A 449 -37.61 -9.09 -16.37
C GLU A 449 -37.16 -7.97 -15.41
N SER A 450 -37.86 -6.83 -15.48
CA SER A 450 -37.56 -5.52 -14.86
C SER A 450 -37.59 -5.57 -13.32
N HIS A 451 -38.79 -5.52 -12.71
CA HIS A 451 -39.00 -5.40 -11.23
C HIS A 451 -38.67 -3.97 -10.74
N GLY A 452 -39.62 -3.30 -10.06
CA GLY A 452 -39.41 -2.04 -9.31
C GLY A 452 -39.47 -0.80 -10.20
N ILE A 459 -34.24 4.00 -11.86
CA ILE A 459 -33.12 4.33 -12.80
C ILE A 459 -33.68 4.65 -14.19
N ASP A 460 -33.66 5.91 -14.64
CA ASP A 460 -34.12 6.33 -16.00
C ASP A 460 -33.06 5.97 -17.07
N TYR A 461 -33.40 6.04 -18.38
CA TYR A 461 -32.88 5.18 -19.49
C TYR A 461 -32.50 5.96 -20.77
N VAL A 462 -31.39 5.52 -21.38
CA VAL A 462 -31.09 5.55 -22.85
C VAL A 462 -30.87 4.08 -23.29
N PRO A 463 -31.51 3.57 -24.37
CA PRO A 463 -31.47 2.12 -24.64
C PRO A 463 -30.03 1.68 -24.96
N LEU A 464 -29.63 0.50 -24.50
CA LEU A 464 -28.20 0.08 -24.56
C LEU A 464 -27.98 -0.64 -25.87
N LYS A 465 -26.97 -0.25 -26.62
CA LYS A 465 -26.43 -1.10 -27.71
C LYS A 465 -24.99 -1.44 -27.34
N SER A 466 -24.66 -2.73 -27.31
CA SER A 466 -23.26 -3.17 -27.08
C SER A 466 -23.05 -4.56 -27.66
N ALA A 467 -21.92 -4.73 -28.32
CA ALA A 467 -21.46 -6.06 -28.78
C ALA A 467 -21.11 -6.94 -27.55
N THR A 468 -20.80 -6.36 -26.40
CA THR A 468 -20.25 -7.13 -25.22
C THR A 468 -21.34 -7.45 -24.17
N CYS A 469 -22.59 -7.18 -24.49
CA CYS A 469 -23.75 -7.53 -23.63
C CYS A 469 -24.25 -8.88 -24.10
N ILE A 470 -23.81 -9.94 -23.45
CA ILE A 470 -24.11 -11.31 -23.94
C ILE A 470 -25.29 -11.83 -23.12
N THR A 471 -26.48 -11.58 -23.65
CA THR A 471 -27.80 -11.97 -23.12
C THR A 471 -28.72 -12.42 -24.27
N ARG A 472 -29.77 -13.17 -23.92
CA ARG A 472 -30.86 -13.66 -24.82
C ARG A 472 -31.39 -12.45 -25.61
N CYS A 473 -31.72 -11.37 -24.91
CA CYS A 473 -32.33 -10.15 -25.51
C CYS A 473 -31.42 -9.59 -26.62
N ASN A 474 -30.13 -9.50 -26.37
CA ASN A 474 -29.18 -8.96 -27.36
C ASN A 474 -29.08 -9.97 -28.52
N LEU A 475 -29.13 -11.27 -28.21
CA LEU A 475 -29.15 -12.29 -29.28
C LEU A 475 -30.36 -11.96 -30.16
N GLY A 476 -31.47 -11.62 -29.53
CA GLY A 476 -32.79 -11.45 -30.17
C GLY A 476 -32.96 -10.09 -30.83
N GLY A 477 -32.03 -9.16 -30.64
CA GLY A 477 -31.90 -7.92 -31.42
C GLY A 477 -31.98 -6.62 -30.62
N ALA A 478 -32.41 -6.63 -29.36
CA ALA A 478 -32.68 -5.44 -28.51
C ALA A 478 -32.56 -5.74 -26.99
N VAL A 479 -31.54 -5.16 -26.34
CA VAL A 479 -31.24 -5.41 -24.89
C VAL A 479 -32.44 -4.98 -24.05
N CYS A 480 -32.96 -5.83 -23.16
CA CYS A 480 -34.09 -5.50 -22.26
C CYS A 480 -33.59 -4.53 -21.20
N ARG A 481 -34.49 -3.84 -20.50
CA ARG A 481 -34.08 -2.77 -19.55
C ARG A 481 -33.31 -3.42 -18.39
N HIS A 482 -33.79 -4.54 -17.84
CA HIS A 482 -33.11 -5.24 -16.72
C HIS A 482 -31.64 -5.50 -17.10
N HIS A 483 -31.38 -6.05 -18.29
CA HIS A 483 -30.01 -6.49 -18.66
C HIS A 483 -29.13 -5.26 -18.93
N ALA A 484 -29.72 -4.15 -19.37
CA ALA A 484 -29.03 -2.87 -19.60
C ALA A 484 -28.57 -2.25 -18.27
N ASN A 485 -29.43 -2.26 -17.26
CA ASN A 485 -29.12 -1.80 -15.88
C ASN A 485 -27.96 -2.62 -15.31
N GLU A 486 -28.05 -3.95 -15.41
CA GLU A 486 -27.05 -4.93 -14.91
C GLU A 486 -25.74 -4.73 -15.67
N TYR A 487 -25.80 -4.46 -16.97
CA TYR A 487 -24.62 -4.32 -17.84
C TYR A 487 -23.87 -3.06 -17.37
N ARG A 488 -24.59 -1.99 -17.09
CA ARG A 488 -23.97 -0.68 -16.73
C ARG A 488 -23.38 -0.77 -15.34
N LEU A 489 -24.08 -1.45 -14.45
CA LEU A 489 -23.57 -1.69 -13.09
C LEU A 489 -22.29 -2.51 -13.20
N TYR A 490 -22.23 -3.49 -14.11
CA TYR A 490 -21.10 -4.43 -14.18
C TYR A 490 -19.92 -3.76 -14.85
N LEU A 491 -20.16 -2.98 -15.90
CA LEU A 491 -19.10 -2.16 -16.51
C LEU A 491 -18.50 -1.26 -15.41
N ASP A 492 -19.31 -0.70 -14.52
CA ASP A 492 -18.82 0.24 -13.49
C ASP A 492 -17.91 -0.52 -12.52
N ALA A 493 -18.37 -1.65 -12.00
CA ALA A 493 -17.57 -2.54 -11.11
C ALA A 493 -16.25 -2.91 -11.82
N TYR A 494 -16.31 -3.36 -13.06
CA TYR A 494 -15.10 -3.73 -13.82
C TYR A 494 -14.11 -2.55 -13.86
N ASN A 495 -14.58 -1.34 -14.21
CA ASN A 495 -13.70 -0.14 -14.35
C ASN A 495 -13.10 0.17 -12.98
N MET A 496 -13.88 -0.03 -11.92
CA MET A 496 -13.46 0.23 -10.54
C MET A 496 -12.26 -0.66 -10.25
N MET A 497 -12.41 -1.94 -10.51
CA MET A 497 -11.40 -2.97 -10.25
C MET A 497 -10.12 -2.69 -11.06
N ILE A 498 -10.26 -2.36 -12.33
CA ILE A 498 -9.09 -2.13 -13.21
C ILE A 498 -8.33 -0.91 -12.66
N SER A 499 -9.04 0.14 -12.34
CA SER A 499 -8.39 1.42 -11.97
C SER A 499 -7.78 1.29 -10.57
N ALA A 500 -8.28 0.39 -9.71
CA ALA A 500 -7.63 0.01 -8.44
C ALA A 500 -6.29 -0.73 -8.68
N GLY A 501 -6.06 -1.29 -9.88
CA GLY A 501 -4.76 -1.89 -10.23
C GLY A 501 -4.83 -3.39 -10.49
N PHE A 502 -6.00 -4.01 -10.50
CA PHE A 502 -6.08 -5.44 -10.88
C PHE A 502 -5.99 -5.54 -12.39
N SER A 503 -5.34 -6.59 -12.86
CA SER A 503 -5.20 -6.98 -14.29
C SER A 503 -5.64 -8.43 -14.43
N LEU A 504 -6.36 -8.73 -15.52
CA LEU A 504 -7.09 -10.00 -15.74
C LEU A 504 -6.54 -10.61 -17.00
N TRP A 505 -6.16 -11.88 -16.90
CA TRP A 505 -5.50 -12.65 -17.98
C TRP A 505 -6.23 -14.00 -18.10
N VAL A 506 -6.18 -14.59 -19.30
CA VAL A 506 -6.95 -15.84 -19.60
C VAL A 506 -6.25 -16.66 -20.68
N TYR A 507 -6.49 -17.98 -20.65
CA TYR A 507 -6.05 -18.92 -21.70
C TYR A 507 -6.41 -18.37 -23.09
N LYS A 508 -5.52 -18.54 -24.09
CA LYS A 508 -5.68 -17.94 -25.45
C LYS A 508 -6.94 -18.45 -26.19
N GLN A 509 -7.43 -19.64 -25.92
CA GLN A 509 -8.63 -20.21 -26.58
C GLN A 509 -9.91 -19.52 -26.09
N PHE A 510 -9.84 -18.66 -25.07
CA PHE A 510 -11.05 -18.04 -24.50
C PHE A 510 -11.73 -17.16 -25.57
N ASP A 511 -12.99 -17.41 -25.85
CA ASP A 511 -13.71 -16.71 -26.94
C ASP A 511 -15.16 -16.49 -26.51
N THR A 512 -15.58 -15.24 -26.34
CA THR A 512 -16.97 -14.96 -25.89
C THR A 512 -17.98 -15.39 -26.94
N TYR A 513 -17.56 -15.65 -28.18
CA TYR A 513 -18.50 -16.12 -29.22
C TYR A 513 -19.15 -17.42 -28.74
N ASN A 514 -18.41 -18.23 -27.96
CA ASN A 514 -18.81 -19.57 -27.49
C ASN A 514 -19.97 -19.45 -26.49
N LEU A 515 -20.22 -18.27 -25.92
CA LEU A 515 -21.28 -18.07 -24.89
C LEU A 515 -22.68 -17.94 -25.51
N TRP A 516 -22.80 -17.49 -26.76
CA TRP A 516 -24.13 -17.21 -27.38
C TRP A 516 -25.01 -18.48 -27.47
N ASN A 517 -24.42 -19.68 -27.57
CA ASN A 517 -25.16 -20.95 -27.80
C ASN A 517 -25.49 -21.57 -26.44
N THR A 518 -25.32 -20.84 -25.33
CA THR A 518 -25.86 -21.26 -24.00
C THR A 518 -27.27 -20.70 -23.84
N PHE A 519 -27.74 -19.94 -24.84
CA PHE A 519 -29.18 -19.65 -25.11
C PHE A 519 -29.54 -20.25 -26.48
N THR A 520 -30.53 -21.15 -26.52
CA THR A 520 -30.91 -21.92 -27.74
C THR A 520 -32.36 -22.42 -27.58
ZN ZN B . 14.40 -0.25 -1.39
ZN ZN C . -32.65 -9.26 -21.25
ZN ZN D . -9.54 20.11 9.30
P PO4 E . -3.96 5.90 10.16
O1 PO4 E . -4.50 4.84 9.20
O2 PO4 E . -4.74 7.23 10.00
O3 PO4 E . -4.17 5.39 11.58
O4 PO4 E . -2.46 6.11 9.83
P PO4 F . -27.90 -10.83 -13.51
O1 PO4 F . -29.35 -10.42 -13.80
O2 PO4 F . -27.47 -12.02 -14.43
O3 PO4 F . -26.92 -9.66 -13.79
O4 PO4 F . -27.81 -11.24 -12.05
N1 LKU G . 0.18 -29.40 -6.30
C4 LKU G . -0.89 -27.35 -7.11
C5 LKU G . -0.56 -28.70 -7.30
C6 LKU G . -0.05 -30.67 -5.89
C7 LKU G . 0.57 -31.09 -4.61
C8 LKU G . 0.33 -32.36 -4.07
C10 LKU G . 1.72 -31.81 -2.18
C13 LKU G . -0.96 -29.32 -8.47
C1 LKU G . -2.81 -26.56 -10.27
C2 LKU G . -2.04 -27.30 -9.24
C3 LKU G . -1.61 -26.67 -8.07
O1 LKU G . -0.79 -31.44 -6.48
C9 LKU G . 0.91 -32.70 -2.85
C11 LKU G . 1.92 -30.57 -2.76
F1 LKU G . 2.72 -29.67 -2.12
C12 LKU G . 1.39 -30.19 -3.93
C14 LKU G . -1.68 -28.63 -9.43
O2 LKU G . -2.06 -29.25 -10.59
#